data_2NS9
#
_entry.id   2NS9
#
_cell.length_a   121.730
_cell.length_b   33.082
_cell.length_c   78.442
_cell.angle_alpha   90.00
_cell.angle_beta   121.40
_cell.angle_gamma   90.00
#
_symmetry.space_group_name_H-M   'C 1 2 1'
#
loop_
_entity.id
_entity.type
_entity.pdbx_description
1 polymer 'Hypothetical protein APE2225'
2 non-polymer 'PHOSPHATE ION'
3 water water
#
_entity_poly.entity_id   1
_entity_poly.type   'polypeptide(L)'
_entity_poly.pdbx_seq_one_letter_code
;SLRLHAGVWGLKVRYEGSFEVSKTPEEVFEFLTDPKRFSRAFPGFKSVEVEDGSFTIELRLSLGPLRGDARVRASFEDLE
KPSKATVKGSGRGAGSTLDFTLRFAVEPSGGGSRVSWVFEGNVGGLAASMGGRVLDSLARRMINDVISGVKRELGEA
;
_entity_poly.pdbx_strand_id   A,B
#
loop_
_chem_comp.id
_chem_comp.type
_chem_comp.name
_chem_comp.formula
PO4 non-polymer 'PHOSPHATE ION' 'O4 P -3'
#
# COMPACT_ATOMS: atom_id res chain seq x y z
N ALA A 6 -3.09 10.89 16.51
CA ALA A 6 -3.66 10.60 15.16
C ALA A 6 -3.25 9.21 14.64
N GLY A 7 -4.11 8.64 13.77
CA GLY A 7 -3.85 7.39 13.05
C GLY A 7 -4.71 7.34 11.78
N VAL A 8 -4.08 7.10 10.62
CA VAL A 8 -4.77 7.16 9.33
C VAL A 8 -4.24 6.06 8.38
N TRP A 9 -5.02 5.72 7.37
CA TRP A 9 -4.60 4.71 6.38
C TRP A 9 -5.23 4.79 5.00
N GLY A 10 -4.56 4.20 4.02
CA GLY A 10 -5.09 4.04 2.65
C GLY A 10 -4.45 2.79 2.06
N LEU A 11 -4.91 2.37 0.89
CA LEU A 11 -4.42 1.15 0.24
C LEU A 11 -3.63 1.48 -0.99
N LYS A 12 -2.62 0.64 -1.24
CA LYS A 12 -1.80 0.67 -2.43
C LYS A 12 -2.11 -0.65 -3.10
N VAL A 13 -2.17 -0.65 -4.42
CA VAL A 13 -2.47 -1.89 -5.13
C VAL A 13 -1.63 -2.01 -6.39
N ARG A 14 -1.22 -3.22 -6.72
CA ARG A 14 -0.61 -3.47 -8.05
C ARG A 14 -1.16 -4.77 -8.60
N TYR A 15 -1.60 -4.76 -9.85
CA TYR A 15 -1.98 -5.96 -10.57
C TYR A 15 -1.17 -6.00 -11.86
N GLU A 16 -0.81 -7.21 -12.31
CA GLU A 16 -0.20 -7.36 -13.61
C GLU A 16 -0.66 -8.64 -14.25
N GLY A 17 -0.69 -8.66 -15.57
CA GLY A 17 -1.11 -9.89 -16.25
C GLY A 17 -0.98 -9.73 -17.76
N SER A 18 -1.51 -10.72 -18.46
CA SER A 18 -1.51 -10.65 -19.90
C SER A 18 -2.60 -11.57 -20.39
N PHE A 19 -3.07 -11.32 -21.62
CA PHE A 19 -4.10 -12.14 -22.22
C PHE A 19 -3.90 -12.10 -23.72
N GLU A 20 -4.53 -13.01 -24.43
CA GLU A 20 -4.33 -13.12 -25.88
C GLU A 20 -5.62 -12.91 -26.61
N VAL A 21 -5.51 -12.33 -27.80
CA VAL A 21 -6.64 -12.16 -28.70
C VAL A 21 -6.20 -12.49 -30.11
N SER A 22 -7.20 -12.75 -30.95
CA SER A 22 -6.96 -13.27 -32.32
C SER A 22 -6.63 -12.15 -33.30
N LYS A 23 -6.97 -10.93 -32.88
CA LYS A 23 -6.81 -9.76 -33.72
C LYS A 23 -5.36 -9.35 -33.80
N THR A 24 -5.06 -8.59 -34.86
CA THR A 24 -3.72 -8.10 -35.15
C THR A 24 -3.34 -7.04 -34.15
N PRO A 25 -2.04 -6.86 -33.87
CA PRO A 25 -1.70 -5.78 -32.95
C PRO A 25 -2.27 -4.42 -33.34
N GLU A 26 -2.28 -4.08 -34.63
CA GLU A 26 -2.85 -2.80 -35.09
C GLU A 26 -4.33 -2.66 -34.69
N GLU A 27 -5.13 -3.70 -34.89
CA GLU A 27 -6.56 -3.70 -34.58
C GLU A 27 -6.76 -3.60 -33.06
N VAL A 28 -5.95 -4.35 -32.32
CA VAL A 28 -6.07 -4.31 -30.86
C VAL A 28 -5.64 -2.95 -30.32
N PHE A 29 -4.54 -2.40 -30.81
CA PHE A 29 -4.07 -1.12 -30.28
C PHE A 29 -5.10 0.00 -30.56
N GLU A 30 -5.67 -0.04 -31.75
CA GLU A 30 -6.69 0.95 -32.12
C GLU A 30 -7.89 0.89 -31.15
N PHE A 31 -8.36 -0.30 -30.85
CA PHE A 31 -9.47 -0.49 -29.93
C PHE A 31 -9.12 0.04 -28.53
N LEU A 32 -7.95 -0.36 -28.02
CA LEU A 32 -7.54 -0.02 -26.65
C LEU A 32 -7.13 1.42 -26.45
N THR A 33 -7.04 2.14 -27.57
CA THR A 33 -6.80 3.60 -27.54
C THR A 33 -7.97 4.44 -28.03
N ASP A 34 -9.16 3.82 -28.13
CA ASP A 34 -10.37 4.52 -28.59
C ASP A 34 -11.40 4.44 -27.46
N PRO A 35 -11.47 5.46 -26.54
CA PRO A 35 -12.38 5.30 -25.40
C PRO A 35 -13.82 5.05 -25.75
N LYS A 36 -14.32 5.57 -26.89
CA LYS A 36 -15.71 5.32 -27.25
C LYS A 36 -15.93 3.82 -27.46
N ARG A 37 -14.91 3.12 -27.95
CA ARG A 37 -15.03 1.69 -28.20
C ARG A 37 -14.75 0.88 -26.93
N PHE A 38 -13.61 1.14 -26.31
CA PHE A 38 -13.24 0.34 -25.10
C PHE A 38 -14.09 0.56 -23.85
N SER A 39 -14.76 1.72 -23.75
CA SER A 39 -15.62 1.97 -22.60
C SER A 39 -16.75 0.91 -22.54
N ARG A 40 -17.14 0.37 -23.70
CA ARG A 40 -18.21 -0.62 -23.72
C ARG A 40 -17.77 -1.96 -23.16
N ALA A 41 -16.47 -2.17 -22.99
CA ALA A 41 -15.96 -3.38 -22.34
C ALA A 41 -16.23 -3.42 -20.84
N PHE A 42 -16.46 -2.25 -20.23
CA PHE A 42 -16.68 -2.14 -18.80
C PHE A 42 -18.04 -2.57 -18.39
N PRO A 43 -18.08 -3.36 -17.32
CA PRO A 43 -19.37 -3.75 -16.89
C PRO A 43 -20.09 -2.52 -16.32
N GLY A 44 -21.38 -2.43 -16.53
CA GLY A 44 -22.11 -1.30 -15.96
C GLY A 44 -21.80 0.03 -16.65
N PHE A 45 -21.29 -0.04 -17.87
CA PHE A 45 -21.04 1.19 -18.64
C PHE A 45 -22.31 2.06 -18.69
N LYS A 46 -22.16 3.37 -18.48
CA LYS A 46 -23.27 4.31 -18.58
C LYS A 46 -23.00 5.35 -19.66
N SER A 47 -21.82 5.97 -19.65
CA SER A 47 -21.50 6.99 -20.67
C SER A 47 -19.97 7.25 -20.74
N VAL A 48 -19.57 7.85 -21.84
CA VAL A 48 -18.18 8.24 -22.01
C VAL A 48 -18.09 9.61 -22.68
N GLU A 49 -17.10 10.40 -22.27
CA GLU A 49 -16.80 11.70 -22.91
C GLU A 49 -15.33 11.63 -23.33
N VAL A 50 -14.99 12.10 -24.53
CA VAL A 50 -13.62 11.95 -25.08
C VAL A 50 -13.18 13.26 -25.71
N GLU A 51 -11.98 13.77 -25.38
CA GLU A 51 -11.40 14.94 -26.12
C GLU A 51 -9.91 15.06 -25.84
N ASP A 52 -9.12 15.44 -26.84
CA ASP A 52 -7.70 15.78 -26.59
C ASP A 52 -6.89 14.66 -25.90
N GLY A 53 -7.21 13.40 -26.19
CA GLY A 53 -6.53 12.22 -25.61
C GLY A 53 -7.00 11.82 -24.20
N SER A 54 -8.01 12.53 -23.69
CA SER A 54 -8.44 12.37 -22.32
C SER A 54 -9.89 11.98 -22.37
N PHE A 55 -10.34 11.27 -21.35
CA PHE A 55 -11.70 10.75 -21.40
C PHE A 55 -12.26 10.59 -19.99
N THR A 56 -13.59 10.58 -19.89
CA THR A 56 -14.22 10.25 -18.60
C THR A 56 -15.27 9.19 -18.84
N ILE A 57 -15.28 8.12 -18.04
CA ILE A 57 -16.26 7.06 -18.18
C ILE A 57 -17.11 7.05 -16.91
N GLU A 58 -18.42 7.04 -17.10
CA GLU A 58 -19.32 6.84 -15.98
C GLU A 58 -19.81 5.40 -16.00
N LEU A 59 -19.78 4.77 -14.81
CA LEU A 59 -20.12 3.36 -14.65
C LEU A 59 -21.05 3.14 -13.49
N ARG A 60 -21.83 2.08 -13.55
CA ARG A 60 -22.59 1.61 -12.38
C ARG A 60 -21.84 0.43 -11.81
N LEU A 61 -21.35 0.57 -10.59
CA LEU A 61 -20.59 -0.49 -9.97
C LEU A 61 -21.54 -1.53 -9.31
N SER A 62 -21.23 -2.81 -9.46
CA SER A 62 -22.02 -3.88 -8.82
C SER A 62 -21.08 -4.85 -8.11
N LEU A 63 -20.16 -4.30 -7.32
CA LEU A 63 -18.88 -4.95 -6.99
C LEU A 63 -18.29 -5.11 -5.59
N GLY A 64 -18.99 -4.95 -4.49
CA GLY A 64 -20.40 -4.57 -4.39
C GLY A 64 -20.87 -5.36 -3.19
N PRO A 65 -20.38 -5.07 -1.94
CA PRO A 65 -20.18 -3.93 -1.02
C PRO A 65 -19.90 -2.55 -1.61
N LEU A 66 -19.25 -2.54 -2.76
CA LEU A 66 -18.98 -1.32 -3.48
C LEU A 66 -19.97 -1.25 -4.63
N ARG A 67 -20.95 -0.36 -4.49
CA ARG A 67 -22.00 -0.27 -5.48
C ARG A 67 -22.39 1.18 -5.75
N GLY A 68 -23.02 1.40 -6.90
CA GLY A 68 -23.56 2.71 -7.21
C GLY A 68 -22.72 3.38 -8.28
N ASP A 69 -23.03 4.64 -8.56
CA ASP A 69 -22.41 5.34 -9.69
C ASP A 69 -20.95 5.70 -9.38
N ALA A 70 -20.09 5.53 -10.36
CA ALA A 70 -18.70 5.93 -10.23
C ALA A 70 -18.24 6.61 -11.52
N ARG A 71 -17.15 7.38 -11.44
CA ARG A 71 -16.65 8.15 -12.58
C ARG A 71 -15.15 7.94 -12.64
N VAL A 72 -14.62 7.64 -13.82
CA VAL A 72 -13.16 7.51 -13.99
C VAL A 72 -12.77 8.57 -14.99
N ARG A 73 -11.79 9.39 -14.63
CA ARG A 73 -11.29 10.46 -15.51
C ARG A 73 -9.82 10.15 -15.77
N ALA A 74 -9.44 10.02 -17.05
CA ALA A 74 -8.06 9.62 -17.34
C ALA A 74 -7.51 10.20 -18.63
N SER A 75 -6.19 10.11 -18.80
CA SER A 75 -5.50 10.68 -19.96
C SER A 75 -4.49 9.66 -20.43
N PHE A 76 -4.37 9.49 -21.73
CA PHE A 76 -3.21 8.82 -22.27
C PHE A 76 -1.99 9.68 -22.10
N GLU A 77 -0.90 9.02 -21.76
CA GLU A 77 0.43 9.59 -21.70
C GLU A 77 1.30 8.98 -22.79
N ASP A 78 1.96 7.84 -22.54
CA ASP A 78 2.69 7.10 -23.58
C ASP A 78 1.67 6.57 -24.59
N LEU A 79 1.99 6.65 -25.88
CA LEU A 79 1.05 6.15 -26.90
CA LEU A 79 1.06 6.20 -26.91
C LEU A 79 1.86 5.92 -28.15
N GLU A 80 2.37 4.71 -28.28
CA GLU A 80 3.24 4.35 -29.38
C GLU A 80 2.59 3.25 -30.18
N LYS A 81 1.95 3.61 -31.31
CA LYS A 81 1.28 2.60 -32.15
C LYS A 81 2.25 1.68 -32.86
N PRO A 82 1.97 0.37 -32.87
CA PRO A 82 0.83 -0.34 -32.27
C PRO A 82 1.20 -1.14 -31.04
N SER A 83 2.12 -0.62 -30.23
CA SER A 83 2.78 -1.47 -29.23
C SER A 83 2.65 -1.12 -27.73
N LYS A 84 2.51 0.16 -27.38
CA LYS A 84 2.56 0.57 -25.98
C LYS A 84 1.79 1.84 -25.68
N ALA A 85 1.16 1.85 -24.51
CA ALA A 85 0.39 2.98 -24.01
C ALA A 85 0.38 3.05 -22.50
N THR A 86 0.23 4.25 -21.98
CA THR A 86 0.06 4.48 -20.57
C THR A 86 -1.16 5.38 -20.40
N VAL A 87 -1.96 5.07 -19.38
CA VAL A 87 -3.10 5.86 -18.99
C VAL A 87 -2.93 6.23 -17.52
N LYS A 88 -3.16 7.50 -17.21
CA LYS A 88 -3.13 7.99 -15.84
C LYS A 88 -4.45 8.61 -15.52
N GLY A 89 -5.02 8.28 -14.36
CA GLY A 89 -6.29 8.94 -14.02
C GLY A 89 -6.72 8.71 -12.59
N SER A 90 -7.98 8.99 -12.35
CA SER A 90 -8.54 8.84 -11.02
C SER A 90 -9.94 8.26 -11.18
N GLY A 91 -10.44 7.67 -10.11
CA GLY A 91 -11.78 7.12 -10.09
C GLY A 91 -12.39 7.62 -8.80
N ARG A 92 -13.70 7.86 -8.83
CA ARG A 92 -14.45 8.24 -7.65
C ARG A 92 -15.79 7.52 -7.67
N GLY A 93 -16.17 6.95 -6.53
CA GLY A 93 -17.57 6.62 -6.26
C GLY A 93 -18.19 7.50 -5.18
N ALA A 94 -19.26 7.01 -4.58
CA ALA A 94 -19.97 7.78 -3.54
C ALA A 94 -19.13 8.06 -2.29
N GLY A 95 -18.04 7.30 -2.11
CA GLY A 95 -17.30 7.42 -0.86
C GLY A 95 -15.85 6.99 -0.96
N SER A 96 -15.43 6.53 -2.15
CA SER A 96 -14.08 6.07 -2.32
C SER A 96 -13.35 6.80 -3.46
N THR A 97 -12.02 6.72 -3.44
CA THR A 97 -11.17 7.39 -4.41
C THR A 97 -10.17 6.38 -4.92
N LEU A 98 -9.81 6.49 -6.19
CA LEU A 98 -8.74 5.71 -6.77
C LEU A 98 -7.90 6.67 -7.60
N ASP A 99 -6.58 6.58 -7.46
CA ASP A 99 -5.68 7.24 -8.39
C ASP A 99 -4.85 6.15 -8.95
N PHE A 100 -4.63 6.14 -10.25
CA PHE A 100 -4.01 4.97 -10.87
C PHE A 100 -3.15 5.29 -12.07
N THR A 101 -2.28 4.34 -12.40
CA THR A 101 -1.57 4.34 -13.64
C THR A 101 -1.77 2.96 -14.25
N LEU A 102 -2.10 2.92 -15.54
CA LEU A 102 -2.24 1.64 -16.26
C LEU A 102 -1.28 1.64 -17.47
N ARG A 103 -0.37 0.66 -17.55
CA ARG A 103 0.55 0.61 -18.68
C ARG A 103 0.23 -0.69 -19.40
N PHE A 104 0.13 -0.63 -20.72
CA PHE A 104 -0.06 -1.84 -21.50
C PHE A 104 0.81 -1.93 -22.76
N ALA A 105 1.05 -3.16 -23.20
CA ALA A 105 1.87 -3.42 -24.36
C ALA A 105 1.08 -4.39 -25.20
N VAL A 106 1.13 -4.23 -26.50
CA VAL A 106 0.55 -5.18 -27.45
C VAL A 106 1.70 -5.72 -28.35
N GLU A 107 1.89 -7.04 -28.36
CA GLU A 107 2.96 -7.67 -29.21
C GLU A 107 2.35 -8.71 -30.17
N PRO A 108 2.94 -8.90 -31.39
CA PRO A 108 2.50 -10.03 -32.25
C PRO A 108 2.66 -11.38 -31.54
N SER A 109 1.67 -12.25 -31.69
CA SER A 109 1.72 -13.55 -30.99
C SER A 109 1.04 -14.59 -31.89
N GLY A 110 1.83 -15.19 -32.78
CA GLY A 110 1.31 -16.11 -33.80
C GLY A 110 0.32 -15.47 -34.76
N GLY A 111 0.60 -14.21 -35.19
CA GLY A 111 -0.37 -13.49 -36.04
C GLY A 111 -1.55 -12.94 -35.24
N GLY A 112 -1.74 -13.48 -34.03
CA GLY A 112 -2.62 -12.84 -33.02
C GLY A 112 -1.86 -11.78 -32.23
N SER A 113 -2.41 -11.37 -31.09
CA SER A 113 -1.77 -10.37 -30.19
C SER A 113 -1.74 -10.87 -28.77
N ARG A 114 -0.66 -10.57 -28.04
CA ARG A 114 -0.73 -10.62 -26.58
C ARG A 114 -0.71 -9.22 -26.01
N VAL A 115 -1.69 -8.96 -25.14
CA VAL A 115 -1.76 -7.71 -24.43
C VAL A 115 -1.22 -7.90 -23.03
N SER A 116 -0.12 -7.22 -22.71
CA SER A 116 0.45 -7.33 -21.35
C SER A 116 0.24 -5.99 -20.62
N TRP A 117 -0.04 -6.03 -19.32
CA TRP A 117 -0.53 -4.85 -18.61
C TRP A 117 -0.12 -4.84 -17.13
N VAL A 118 -0.02 -3.64 -16.55
CA VAL A 118 0.33 -3.45 -15.14
C VAL A 118 -0.52 -2.27 -14.68
N PHE A 119 -1.25 -2.48 -13.58
CA PHE A 119 -2.10 -1.45 -13.01
C PHE A 119 -1.52 -1.17 -11.64
N GLU A 120 -1.29 0.11 -11.33
CA GLU A 120 -0.90 0.49 -9.99
C GLU A 120 -1.80 1.57 -9.51
N GLY A 121 -2.18 1.50 -8.25
CA GLY A 121 -3.13 2.48 -7.72
C GLY A 121 -3.01 2.74 -6.23
N ASN A 122 -3.60 3.87 -5.83
CA ASN A 122 -3.82 4.19 -4.40
C ASN A 122 -5.33 4.34 -4.21
N VAL A 123 -5.84 3.75 -3.15
CA VAL A 123 -7.28 3.76 -2.86
C VAL A 123 -7.46 4.45 -1.51
N GLY A 124 -8.41 5.39 -1.45
CA GLY A 124 -8.71 6.09 -0.23
C GLY A 124 -10.19 6.09 0.03
N GLY A 125 -10.58 6.57 1.21
CA GLY A 125 -11.99 6.74 1.50
C GLY A 125 -12.60 5.46 2.03
N LEU A 126 -13.91 5.31 1.82
CA LEU A 126 -14.63 4.14 2.34
C LEU A 126 -13.89 2.81 2.13
N ALA A 127 -13.48 2.56 0.88
CA ALA A 127 -12.87 1.30 0.46
C ALA A 127 -11.56 0.94 1.17
N ALA A 128 -10.87 1.95 1.73
CA ALA A 128 -9.53 1.75 2.34
C ALA A 128 -9.56 0.92 3.60
N SER A 129 -10.77 0.68 4.12
CA SER A 129 -11.10 -0.13 5.31
C SER A 129 -11.28 -1.63 5.02
N MET A 130 -11.61 -1.95 3.77
CA MET A 130 -12.14 -3.28 3.44
C MET A 130 -11.12 -4.39 3.53
N GLY A 131 -9.84 -4.05 3.44
CA GLY A 131 -8.77 -5.05 3.53
C GLY A 131 -8.56 -5.75 2.20
N GLY A 132 -7.33 -6.21 2.00
CA GLY A 132 -6.94 -6.81 0.75
C GLY A 132 -7.62 -8.06 0.28
N ARG A 133 -8.08 -8.93 1.18
CA ARG A 133 -8.72 -10.16 0.71
C ARG A 133 -10.01 -9.78 -0.02
N VAL A 134 -10.83 -8.96 0.63
CA VAL A 134 -12.08 -8.52 -0.03
C VAL A 134 -11.80 -7.69 -1.26
N LEU A 135 -10.90 -6.72 -1.15
CA LEU A 135 -10.64 -5.90 -2.31
C LEU A 135 -10.06 -6.67 -3.50
N ASP A 136 -9.23 -7.67 -3.24
CA ASP A 136 -8.73 -8.52 -4.31
C ASP A 136 -9.87 -9.27 -5.01
N SER A 137 -10.80 -9.83 -4.23
CA SER A 137 -11.99 -10.46 -4.83
C SER A 137 -12.70 -9.50 -5.79
N LEU A 138 -12.87 -8.25 -5.36
CA LEU A 138 -13.65 -7.30 -6.15
C LEU A 138 -12.86 -6.82 -7.38
N ALA A 139 -11.59 -6.58 -7.16
CA ALA A 139 -10.69 -6.13 -8.24
C ALA A 139 -10.60 -7.21 -9.33
N ARG A 140 -10.43 -8.45 -8.93
CA ARG A 140 -10.39 -9.56 -9.88
C ARG A 140 -11.68 -9.70 -10.69
N ARG A 141 -12.83 -9.40 -10.08
CA ARG A 141 -14.11 -9.37 -10.81
C ARG A 141 -14.12 -8.30 -11.87
N MET A 142 -13.65 -7.11 -11.49
CA MET A 142 -13.56 -6.00 -12.45
C MET A 142 -12.60 -6.36 -13.59
N ILE A 143 -11.40 -6.80 -13.24
CA ILE A 143 -10.44 -7.15 -14.28
C ILE A 143 -11.00 -8.20 -15.26
N ASN A 144 -11.57 -9.27 -14.71
CA ASN A 144 -12.11 -10.36 -15.55
C ASN A 144 -13.25 -9.85 -16.43
N ASP A 145 -14.07 -8.96 -15.88
CA ASP A 145 -15.22 -8.46 -16.62
C ASP A 145 -14.73 -7.57 -17.78
N VAL A 146 -13.71 -6.76 -17.51
CA VAL A 146 -13.16 -5.88 -18.53
C VAL A 146 -12.50 -6.68 -19.63
N ILE A 147 -11.69 -7.65 -19.23
CA ILE A 147 -11.00 -8.43 -20.25
C ILE A 147 -12.02 -9.24 -21.10
N SER A 148 -13.02 -9.82 -20.46
CA SER A 148 -14.09 -10.48 -21.21
C SER A 148 -14.82 -9.52 -22.15
N GLY A 149 -14.96 -8.30 -21.70
CA GLY A 149 -15.62 -7.22 -22.46
C GLY A 149 -14.79 -6.84 -23.65
N VAL A 150 -13.47 -6.82 -23.46
CA VAL A 150 -12.55 -6.49 -24.54
C VAL A 150 -12.66 -7.61 -25.64
N LYS A 151 -12.60 -8.86 -25.21
CA LYS A 151 -12.71 -9.98 -26.12
C LYS A 151 -14.04 -9.92 -26.87
N ARG A 152 -15.11 -9.60 -26.15
CA ARG A 152 -16.45 -9.53 -26.75
C ARG A 152 -16.54 -8.43 -27.84
N GLU A 153 -16.08 -7.23 -27.48
CA GLU A 153 -16.16 -6.07 -28.35
C GLU A 153 -15.24 -6.19 -29.58
N LEU A 154 -14.16 -6.94 -29.45
CA LEU A 154 -13.29 -7.32 -30.56
C LEU A 154 -13.84 -8.49 -31.42
N GLY A 155 -14.85 -9.18 -30.93
CA GLY A 155 -15.50 -10.24 -31.72
C GLY A 155 -14.78 -11.57 -31.66
N GLU A 156 -14.15 -11.81 -30.53
CA GLU A 156 -13.46 -13.07 -30.29
C GLU A 156 -14.46 -14.23 -30.12
N ALA A 157 -13.95 -15.44 -30.30
CA ALA A 157 -14.38 -16.66 -29.59
C ALA A 157 -14.50 -17.85 -30.49
N ARG B 3 -6.87 -17.19 -15.45
CA ARG B 3 -6.42 -15.80 -15.21
C ARG B 3 -4.90 -15.68 -15.07
N LEU B 4 -4.23 -15.23 -16.14
CA LEU B 4 -2.85 -14.81 -16.00
C LEU B 4 -2.93 -13.35 -15.58
N HIS B 5 -3.28 -13.19 -14.32
CA HIS B 5 -3.04 -11.92 -13.62
C HIS B 5 -2.97 -12.19 -12.16
N ALA B 6 -2.25 -11.34 -11.46
CA ALA B 6 -2.12 -11.44 -10.03
C ALA B 6 -1.96 -10.04 -9.55
N GLY B 7 -2.29 -9.88 -8.28
CA GLY B 7 -2.20 -8.60 -7.65
C GLY B 7 -1.90 -8.68 -6.22
N VAL B 8 -1.40 -7.57 -5.70
CA VAL B 8 -1.13 -7.46 -4.27
C VAL B 8 -1.60 -6.13 -3.76
N TRP B 9 -2.00 -6.16 -2.48
CA TRP B 9 -2.50 -5.00 -1.80
C TRP B 9 -1.57 -4.72 -0.60
N GLY B 10 -1.37 -3.45 -0.35
CA GLY B 10 -0.62 -3.02 0.81
C GLY B 10 -1.39 -1.95 1.52
N LEU B 11 -1.22 -1.89 2.84
CA LEU B 11 -1.89 -0.90 3.63
C LEU B 11 -0.83 0.10 4.03
N LYS B 12 -1.07 1.37 3.70
CA LYS B 12 -0.22 2.49 4.11
C LYS B 12 -0.82 3.07 5.37
N VAL B 13 -0.01 3.15 6.42
CA VAL B 13 -0.50 3.61 7.72
CA VAL B 13 -0.51 3.60 7.71
C VAL B 13 0.40 4.72 8.26
N ARG B 14 -0.20 5.63 9.01
CA ARG B 14 0.56 6.71 9.69
C ARG B 14 -0.02 6.86 11.08
N TYR B 15 0.84 6.78 12.09
CA TYR B 15 0.46 7.06 13.46
C TYR B 15 1.35 8.17 13.98
N GLU B 16 0.79 8.96 14.88
CA GLU B 16 1.54 9.98 15.59
C GLU B 16 1.16 9.98 17.04
N GLY B 17 2.11 10.36 17.88
CA GLY B 17 1.88 10.34 19.31
C GLY B 17 2.91 11.10 20.08
N SER B 18 2.66 11.20 21.38
CA SER B 18 3.62 11.70 22.31
C SER B 18 3.45 11.02 23.67
N PHE B 19 4.54 10.94 24.42
CA PHE B 19 4.50 10.52 25.82
C PHE B 19 5.61 11.21 26.58
N GLU B 20 5.45 11.25 27.89
CA GLU B 20 6.39 11.94 28.74
C GLU B 20 7.21 10.90 29.48
N VAL B 21 8.46 11.30 29.82
CA VAL B 21 9.32 10.46 30.65
CA VAL B 21 9.36 10.47 30.61
C VAL B 21 10.07 11.32 31.68
N SER B 22 10.28 10.75 32.86
CA SER B 22 10.89 11.41 34.01
C SER B 22 12.42 11.64 33.92
N LYS B 23 12.97 11.63 32.72
CA LYS B 23 14.41 11.75 32.50
C LYS B 23 14.73 12.97 31.63
N THR B 24 16.04 13.32 31.56
CA THR B 24 16.49 14.45 30.72
C THR B 24 16.44 14.06 29.24
N PRO B 25 16.30 15.06 28.33
CA PRO B 25 16.33 14.75 26.88
C PRO B 25 17.59 13.94 26.48
N GLU B 26 18.75 14.28 27.05
CA GLU B 26 19.98 13.55 26.72
C GLU B 26 19.96 12.07 27.13
N GLU B 27 19.32 11.78 28.27
CA GLU B 27 19.17 10.42 28.81
C GLU B 27 18.19 9.60 27.95
N VAL B 28 17.05 10.24 27.64
CA VAL B 28 16.05 9.63 26.81
C VAL B 28 16.60 9.40 25.41
N PHE B 29 17.29 10.40 24.86
CA PHE B 29 17.84 10.29 23.52
C PHE B 29 18.87 9.18 23.37
N GLU B 30 19.72 9.02 24.39
CA GLU B 30 20.73 7.97 24.40
C GLU B 30 20.06 6.58 24.37
N PHE B 31 19.05 6.41 25.23
CA PHE B 31 18.23 5.19 25.27
C PHE B 31 17.63 4.87 23.91
N LEU B 32 16.98 5.87 23.33
CA LEU B 32 16.23 5.69 22.08
C LEU B 32 17.11 5.50 20.83
N THR B 33 18.40 5.74 20.98
CA THR B 33 19.38 5.51 19.92
C THR B 33 20.32 4.30 20.17
N ASP B 34 20.05 3.53 21.22
CA ASP B 34 20.85 2.35 21.49
C ASP B 34 19.95 1.12 21.34
N PRO B 35 20.02 0.45 20.19
CA PRO B 35 19.16 -0.73 20.00
C PRO B 35 19.29 -1.80 21.07
N LYS B 36 20.45 -1.91 21.71
CA LYS B 36 20.57 -2.90 22.80
C LYS B 36 19.68 -2.61 24.00
N ARG B 37 19.35 -1.34 24.15
CA ARG B 37 18.51 -0.89 25.24
C ARG B 37 17.08 -0.83 24.82
N PHE B 38 16.80 -0.14 23.71
CA PHE B 38 15.41 0.04 23.40
C PHE B 38 14.72 -1.23 22.88
N SER B 39 15.47 -2.22 22.35
CA SER B 39 14.81 -3.42 21.82
C SER B 39 14.11 -4.21 22.92
N ARG B 40 14.62 -4.11 24.16
CA ARG B 40 14.02 -4.78 25.33
C ARG B 40 12.59 -4.28 25.61
N ALA B 41 12.23 -3.14 25.02
CA ALA B 41 10.90 -2.55 25.18
C ALA B 41 9.86 -3.33 24.40
N PHE B 42 10.30 -4.09 23.41
CA PHE B 42 9.41 -4.86 22.59
C PHE B 42 8.98 -6.13 23.31
N PRO B 43 7.66 -6.36 23.39
CA PRO B 43 7.26 -7.62 23.96
C PRO B 43 7.72 -8.68 22.97
N GLY B 44 8.15 -9.80 23.47
CA GLY B 44 8.56 -10.85 22.58
C GLY B 44 10.00 -10.73 22.11
N PHE B 45 10.69 -9.70 22.56
CA PHE B 45 12.10 -9.54 22.22
C PHE B 45 12.91 -10.84 22.44
N LYS B 46 13.67 -11.21 21.40
CA LYS B 46 14.55 -12.39 21.40
CA LYS B 46 14.56 -12.38 21.44
C LYS B 46 16.01 -12.02 21.14
N SER B 47 16.23 -11.14 20.17
CA SER B 47 17.65 -10.77 19.87
C SER B 47 17.79 -9.43 19.20
N VAL B 48 18.91 -8.76 19.43
CA VAL B 48 19.26 -7.60 18.64
C VAL B 48 20.76 -7.66 18.34
N GLU B 49 21.13 -7.34 17.11
CA GLU B 49 22.51 -7.28 16.72
C GLU B 49 22.75 -5.91 16.09
N VAL B 50 23.80 -5.23 16.53
CA VAL B 50 24.07 -3.88 16.07
C VAL B 50 25.41 -3.76 15.34
N GLU B 51 25.39 -3.05 14.22
CA GLU B 51 26.59 -2.61 13.57
C GLU B 51 26.41 -1.46 12.59
N ASP B 52 27.31 -0.50 12.64
CA ASP B 52 27.19 0.69 13.45
C ASP B 52 26.05 1.60 12.92
N GLY B 53 25.05 1.82 13.76
CA GLY B 53 23.90 2.60 13.37
C GLY B 53 22.79 1.84 12.64
N SER B 54 23.10 0.63 12.22
CA SER B 54 22.29 -0.46 11.61
CA SER B 54 22.27 -0.46 11.64
C SER B 54 22.08 -1.72 12.56
N PHE B 55 20.91 -2.34 12.54
CA PHE B 55 20.57 -3.32 13.55
C PHE B 55 19.46 -4.24 13.06
N THR B 56 19.49 -5.47 13.56
CA THR B 56 18.53 -6.49 13.21
C THR B 56 17.93 -6.95 14.55
N ILE B 57 16.61 -6.90 14.66
CA ILE B 57 15.89 -7.38 15.89
C ILE B 57 15.04 -8.59 15.49
N GLU B 58 15.08 -9.63 16.32
CA GLU B 58 14.18 -10.76 16.19
C GLU B 58 13.25 -10.78 17.42
N LEU B 59 11.96 -10.99 17.14
CA LEU B 59 10.85 -10.87 18.07
CA LEU B 59 11.02 -11.07 18.22
C LEU B 59 9.98 -12.12 17.95
N ARG B 60 9.38 -12.59 19.04
CA ARG B 60 8.23 -13.48 18.90
C ARG B 60 6.96 -12.64 19.08
N LEU B 61 6.24 -12.40 18.00
CA LEU B 61 4.95 -11.68 18.07
C LEU B 61 3.80 -12.49 18.66
N SER B 62 2.95 -11.84 19.44
CA SER B 62 1.72 -12.45 19.96
C SER B 62 0.60 -11.40 19.93
N LEU B 63 0.28 -10.95 18.73
CA LEU B 63 -0.42 -9.68 18.61
C LEU B 63 -1.95 -9.72 18.52
N GLY B 64 -2.54 -9.97 17.36
CA GLY B 64 -2.25 -11.07 16.48
C GLY B 64 -3.47 -11.98 16.76
N PRO B 65 -4.18 -12.48 15.72
CA PRO B 65 -3.94 -13.15 14.45
C PRO B 65 -2.51 -13.18 14.01
N LEU B 66 -1.74 -12.17 14.43
CA LEU B 66 -0.38 -11.99 13.99
C LEU B 66 0.51 -12.53 15.09
N ARG B 67 0.72 -13.83 15.04
CA ARG B 67 1.54 -14.50 16.01
C ARG B 67 2.61 -15.26 15.28
N GLY B 68 3.85 -15.15 15.78
CA GLY B 68 4.96 -15.95 15.31
C GLY B 68 6.28 -15.19 15.31
N ASP B 69 7.30 -15.83 14.76
CA ASP B 69 8.64 -15.22 14.65
C ASP B 69 8.66 -14.07 13.66
N ALA B 70 9.40 -13.00 13.99
CA ALA B 70 9.45 -11.82 13.15
C ALA B 70 10.88 -11.30 13.22
N ARG B 71 11.32 -10.66 12.12
CA ARG B 71 12.63 -10.06 12.06
C ARG B 71 12.49 -8.67 11.47
N VAL B 72 13.20 -7.71 12.06
CA VAL B 72 13.24 -6.37 11.49
C VAL B 72 14.68 -6.00 11.28
N ARG B 73 14.96 -5.39 10.13
CA ARG B 73 16.30 -4.85 9.90
C ARG B 73 16.11 -3.38 9.62
N ALA B 74 16.87 -2.56 10.36
CA ALA B 74 16.73 -1.12 10.25
C ALA B 74 18.05 -0.36 10.47
N SER B 75 18.03 0.94 10.18
CA SER B 75 19.19 1.82 10.29
C SER B 75 18.74 3.19 10.78
N PHE B 76 19.60 3.82 11.59
CA PHE B 76 19.41 5.19 11.92
C PHE B 76 19.87 6.03 10.72
N GLU B 77 19.00 6.88 10.22
CA GLU B 77 19.25 7.54 8.92
C GLU B 77 19.45 9.04 9.02
N ASP B 78 18.97 9.61 10.13
CA ASP B 78 19.13 11.05 10.40
C ASP B 78 19.23 11.07 11.91
N LEU B 79 20.01 12.03 12.43
CA LEU B 79 20.42 12.05 13.83
C LEU B 79 20.88 13.47 14.22
N GLU B 80 20.37 13.97 15.35
CA GLU B 80 20.68 15.33 15.87
C GLU B 80 20.84 15.29 17.39
N LYS B 81 22.10 15.04 17.82
CA LYS B 81 22.44 14.32 19.06
C LYS B 81 21.93 14.72 20.47
N PRO B 82 21.20 15.84 20.63
CA PRO B 82 20.29 15.74 21.79
C PRO B 82 18.80 15.41 21.46
N SER B 83 18.35 15.69 20.24
CA SER B 83 16.92 15.79 20.00
C SER B 83 16.26 14.77 19.07
N LYS B 84 16.73 14.65 17.83
CA LYS B 84 15.97 13.98 16.77
C LYS B 84 16.68 12.81 16.12
N ALA B 85 15.88 11.84 15.66
CA ALA B 85 16.42 10.73 14.90
C ALA B 85 15.36 10.19 13.97
N THR B 86 15.83 9.48 12.95
CA THR B 86 14.98 8.81 11.99
C THR B 86 15.50 7.39 11.91
N VAL B 87 14.56 6.46 11.89
CA VAL B 87 14.90 5.07 11.69
C VAL B 87 14.12 4.60 10.51
N LYS B 88 14.80 3.97 9.55
CA LYS B 88 14.11 3.38 8.42
C LYS B 88 14.42 1.91 8.38
N GLY B 89 13.44 1.11 8.02
CA GLY B 89 13.66 -0.31 7.97
C GLY B 89 12.52 -1.11 7.40
N SER B 90 12.64 -2.41 7.59
CA SER B 90 11.70 -3.36 7.03
C SER B 90 11.65 -4.57 7.93
N GLY B 91 10.51 -5.24 7.91
CA GLY B 91 10.31 -6.38 8.79
C GLY B 91 9.54 -7.43 8.03
N ARG B 92 9.61 -8.68 8.52
CA ARG B 92 8.86 -9.77 7.96
C ARG B 92 8.54 -10.76 9.07
N GLY B 93 7.36 -11.36 8.99
CA GLY B 93 7.03 -12.62 9.69
C GLY B 93 6.79 -13.74 8.65
N ALA B 94 6.04 -14.79 9.02
CA ALA B 94 5.84 -15.91 8.11
C ALA B 94 4.75 -15.61 7.09
N GLY B 95 4.02 -14.52 7.33
CA GLY B 95 2.88 -14.13 6.49
C GLY B 95 2.69 -12.64 6.21
N SER B 96 3.43 -11.77 6.89
CA SER B 96 3.28 -10.29 6.67
C SER B 96 4.65 -9.63 6.52
N THR B 97 4.62 -8.46 5.87
CA THR B 97 5.79 -7.58 5.70
C THR B 97 5.46 -6.15 6.17
N LEU B 98 6.54 -5.45 6.50
CA LEU B 98 6.50 -4.06 6.89
C LEU B 98 7.70 -3.33 6.32
N ASP B 99 7.44 -2.17 5.72
CA ASP B 99 8.46 -1.23 5.38
C ASP B 99 8.08 0.06 6.12
N PHE B 100 9.01 0.69 6.82
CA PHE B 100 8.60 1.79 7.70
C PHE B 100 9.67 2.88 7.83
N THR B 101 9.21 4.06 8.25
CA THR B 101 10.08 5.14 8.72
C THR B 101 9.48 5.56 10.06
N LEU B 102 10.31 5.69 11.07
CA LEU B 102 9.90 6.26 12.34
C LEU B 102 10.78 7.48 12.58
N ARG B 103 10.14 8.60 12.92
CA ARG B 103 10.85 9.83 13.24
C ARG B 103 10.46 10.19 14.65
N PHE B 104 11.43 10.60 15.46
CA PHE B 104 11.08 11.03 16.79
C PHE B 104 11.86 12.22 17.18
N ALA B 105 11.23 12.97 18.05
CA ALA B 105 11.87 14.11 18.61
C ALA B 105 11.79 13.90 20.09
N VAL B 106 12.94 14.13 20.74
CA VAL B 106 12.95 14.13 22.23
C VAL B 106 13.09 15.59 22.67
N GLU B 107 12.01 16.20 23.27
CA GLU B 107 12.00 17.62 23.68
C GLU B 107 11.98 17.69 25.21
N PRO B 108 12.47 18.77 25.76
CA PRO B 108 12.31 19.08 27.24
C PRO B 108 10.92 19.30 27.56
N SER B 109 10.50 18.83 28.76
CA SER B 109 9.17 19.20 29.41
C SER B 109 9.07 18.89 30.92
N GLY B 110 8.69 19.91 31.70
CA GLY B 110 8.39 19.75 33.16
C GLY B 110 9.81 19.32 33.90
N GLY B 111 10.84 20.04 33.40
CA GLY B 111 12.24 19.47 33.72
C GLY B 111 12.65 18.26 32.93
N GLY B 112 11.79 17.27 32.95
CA GLY B 112 12.04 16.03 32.21
C GLY B 112 11.89 16.17 30.73
N SER B 113 11.51 15.07 30.11
CA SER B 113 11.32 15.06 28.69
C SER B 113 9.93 14.69 28.21
N ARG B 114 9.63 15.13 26.95
CA ARG B 114 8.52 14.56 26.16
C ARG B 114 9.02 13.95 24.83
N VAL B 115 8.58 12.73 24.50
CA VAL B 115 8.97 12.13 23.23
C VAL B 115 7.80 12.16 22.25
N SER B 116 7.98 12.84 21.11
CA SER B 116 6.96 12.94 20.04
C SER B 116 7.44 12.13 18.86
N TRP B 117 6.54 11.40 18.20
CA TRP B 117 7.02 10.47 17.21
C TRP B 117 5.98 10.33 16.11
N VAL B 118 6.44 9.93 14.93
CA VAL B 118 5.56 9.65 13.80
CA VAL B 118 5.55 9.63 13.83
C VAL B 118 6.05 8.35 13.17
N PHE B 119 5.13 7.44 12.92
CA PHE B 119 5.49 6.15 12.35
C PHE B 119 4.69 6.06 11.08
N GLU B 120 5.36 5.74 9.97
CA GLU B 120 4.65 5.53 8.72
C GLU B 120 5.09 4.20 8.17
N GLY B 121 4.14 3.38 7.73
CA GLY B 121 4.44 1.98 7.42
C GLY B 121 3.70 1.63 6.13
N ASN B 122 4.31 0.79 5.31
CA ASN B 122 3.60 0.05 4.28
C ASN B 122 3.52 -1.41 4.73
N VAL B 123 2.31 -1.93 4.92
CA VAL B 123 2.09 -3.29 5.42
C VAL B 123 1.64 -4.17 4.26
N GLY B 124 2.27 -5.36 4.13
CA GLY B 124 1.91 -6.36 3.13
C GLY B 124 1.58 -7.73 3.68
N GLY B 125 0.95 -8.55 2.84
CA GLY B 125 0.65 -9.92 3.25
C GLY B 125 -0.59 -10.01 4.14
N LEU B 126 -0.53 -10.87 5.15
CA LEU B 126 -1.68 -11.14 6.01
C LEU B 126 -2.23 -9.93 6.77
N ALA B 127 -1.31 -9.17 7.36
CA ALA B 127 -1.67 -7.89 7.96
C ALA B 127 -2.45 -6.97 7.00
N ALA B 128 -2.22 -7.07 5.69
CA ALA B 128 -2.87 -6.19 4.71
C ALA B 128 -4.16 -6.78 4.15
N SER B 129 -4.29 -8.09 4.28
CA SER B 129 -5.44 -8.82 3.78
C SER B 129 -6.62 -8.61 4.72
N MET B 130 -6.33 -8.53 6.03
CA MET B 130 -7.37 -8.25 7.03
C MET B 130 -7.96 -6.87 6.80
N GLY B 131 -9.21 -6.68 7.20
CA GLY B 131 -9.76 -5.32 7.28
C GLY B 131 -8.80 -4.34 7.94
N GLY B 132 -8.69 -3.14 7.37
CA GLY B 132 -7.84 -2.06 7.89
C GLY B 132 -8.16 -1.72 9.35
N ARG B 133 -9.43 -1.85 9.70
CA ARG B 133 -9.89 -1.59 11.08
C ARG B 133 -9.32 -2.59 12.08
N VAL B 134 -9.28 -3.87 11.70
CA VAL B 134 -8.64 -4.89 12.58
C VAL B 134 -7.14 -4.64 12.72
N LEU B 135 -6.45 -4.40 11.61
CA LEU B 135 -5.01 -4.09 11.71
C LEU B 135 -4.74 -2.85 12.58
N ASP B 136 -5.52 -1.78 12.41
CA ASP B 136 -5.39 -0.56 13.26
C ASP B 136 -5.43 -0.84 14.79
N SER B 137 -6.41 -1.63 15.22
CA SER B 137 -6.51 -2.02 16.61
C SER B 137 -5.27 -2.77 17.09
N LEU B 138 -4.78 -3.70 16.27
CA LEU B 138 -3.55 -4.44 16.60
C LEU B 138 -2.31 -3.52 16.64
N ALA B 139 -2.17 -2.67 15.60
CA ALA B 139 -1.06 -1.68 15.53
C ALA B 139 -1.01 -0.79 16.77
N ARG B 140 -2.16 -0.25 17.17
CA ARG B 140 -2.17 0.64 18.35
C ARG B 140 -1.92 -0.13 19.65
N ARG B 141 -2.36 -1.37 19.67
CA ARG B 141 -2.03 -2.25 20.79
C ARG B 141 -0.52 -2.41 20.93
N MET B 142 0.15 -2.72 19.81
CA MET B 142 1.60 -2.89 19.80
C MET B 142 2.29 -1.59 20.20
N ILE B 143 1.84 -0.48 19.61
CA ILE B 143 2.43 0.82 19.94
C ILE B 143 2.33 1.10 21.44
N ASN B 144 1.14 0.89 22.01
CA ASN B 144 0.94 1.04 23.45
C ASN B 144 1.84 0.14 24.26
N ASP B 145 2.06 -1.11 23.81
CA ASP B 145 2.91 -2.07 24.58
C ASP B 145 4.37 -1.64 24.47
N VAL B 146 4.76 -1.10 23.33
CA VAL B 146 6.16 -0.68 23.14
C VAL B 146 6.40 0.57 24.02
N ILE B 147 5.49 1.55 23.97
CA ILE B 147 5.65 2.76 24.81
C ILE B 147 5.75 2.38 26.30
N SER B 148 4.85 1.50 26.74
CA SER B 148 4.93 0.96 28.11
CA SER B 148 4.91 0.98 28.12
C SER B 148 6.27 0.32 28.39
N GLY B 149 6.75 -0.48 27.43
CA GLY B 149 8.06 -1.09 27.56
C GLY B 149 9.19 -0.09 27.66
N VAL B 150 9.09 1.03 26.96
CA VAL B 150 10.10 2.09 27.00
C VAL B 150 10.15 2.68 28.42
N LYS B 151 8.96 2.93 28.94
CA LYS B 151 8.80 3.55 30.26
C LYS B 151 9.36 2.61 31.32
N ARG B 152 9.04 1.32 31.18
CA ARG B 152 9.51 0.30 32.10
C ARG B 152 11.03 0.21 32.10
N GLU B 153 11.61 0.07 30.90
CA GLU B 153 13.05 -0.04 30.73
C GLU B 153 13.81 1.20 31.23
N LEU B 154 13.22 2.38 31.04
CA LEU B 154 13.78 3.61 31.59
C LEU B 154 13.48 3.75 33.08
P PO4 C . -17.67 4.07 -3.36
O1 PO4 C . -16.81 3.11 -2.57
O2 PO4 C . -16.82 4.79 -4.39
O3 PO4 C . -18.79 3.31 -4.02
O4 PO4 C . -18.27 5.06 -2.36
P PO4 D . 2.82 -12.60 10.01
O1 PO4 D . 3.38 -13.70 9.15
O2 PO4 D . 1.47 -12.29 9.41
O3 PO4 D . 2.68 -13.11 11.43
O4 PO4 D . 3.85 -11.45 9.98
#